data_9EMO
#
_entry.id   9EMO
#
_cell.length_a   90.965
_cell.length_b   90.965
_cell.length_c   99.379
_cell.angle_alpha   90.000
_cell.angle_beta   90.000
_cell.angle_gamma   120.000
#
_symmetry.space_group_name_H-M   'P 63'
#
loop_
_entity.id
_entity.type
_entity.pdbx_description
1 polymer 'Probable N-acetyltransferase 16'
2 non-polymer '[[(2~{S},3~{S},4~{R},5~{R})-5-(6-aminopurin-9-yl)-4-oxidanyl-3-phosphonooxy-oxolan-2-yl]methoxy-oxidanyl-phosphoryl] [(3~{R})-4-[[3-[2-[2-[3-[[(2~{R})-4-[[[(2~{R},3~{S},4~{R},5~{R})-5-(6-aminopurin-9-yl)-4-oxidanyl-3-phosphonooxy-oxolan-2-yl]methoxy-oxidanyl-phosphoryl]oxy-oxidanyl-phosphoryl]oxy-3,3-dimethyl-2-oxidanyl-butanoyl]amino]propanoylamino]ethyldisulfanyl]ethylamino]-3-oxidanylidene-propyl]amino]-2,2-dimethyl-3-oxidanyl-4-oxidanylidene-butyl] hydrogen phosphate'
3 non-polymer GLYCEROL
4 non-polymer ARGININE
5 water water
#
_entity_poly.entity_id   1
_entity_poly.type   'polypeptide(L)'
_entity_poly.pdbx_seq_one_letter_code
;MKLEPEAEAEPLDFVVATEREFEEVLAISGGIYGGLDYLPSRYHSWLRDPDRTVVLAKRNGGVIALESVNVIDAGETVLV
EGLRVAPWERGKGVAGLLQRFCSQLVKRQHPGVKVARLTRDDQLGPRELKKYRLITKQGILLVRFNASALLAGLGARLAA
LRTSGTFSPLPTEAVSEAGGDVARLLLSPSVQRDVLPGGTIIQDWQPYRPSESNLRLLAAKGLEWRVDSRARPRVLTLCT
RPFPIPHGGDGTWRYLNIDAFGSDGAQVQSQLLWHLQRQAPRLVGLNVMCQLFLEPQLWSQLADFCQVGLGLELVKGYTE
QYLLEADIHHHHHH
;
_entity_poly.pdbx_strand_id   A
#
# COMPACT_ATOMS: atom_id res chain seq x y z
N GLU A 6 9.09 38.94 7.87
CA GLU A 6 7.95 38.32 8.57
C GLU A 6 8.33 36.95 9.12
N ALA A 7 9.34 36.93 9.99
CA ALA A 7 9.78 35.68 10.61
C ALA A 7 8.72 35.17 11.58
N GLU A 8 8.58 33.85 11.64
CA GLU A 8 7.63 33.24 12.57
C GLU A 8 8.08 33.49 14.01
N ALA A 9 7.11 33.79 14.87
CA ALA A 9 7.43 34.16 16.25
C ALA A 9 8.13 33.02 16.99
N GLU A 10 7.62 31.79 16.84
CA GLU A 10 8.19 30.63 17.51
C GLU A 10 8.84 29.71 16.49
N PRO A 11 9.91 29.00 16.87
CA PRO A 11 10.62 28.14 15.91
C PRO A 11 9.96 26.78 15.79
N LEU A 12 10.47 25.99 14.83
CA LEU A 12 10.00 24.62 14.63
C LEU A 12 10.64 23.69 15.65
N ASP A 13 9.84 22.78 16.19
CA ASP A 13 10.29 21.81 17.19
C ASP A 13 9.91 20.42 16.71
N PHE A 14 10.90 19.55 16.60
CA PHE A 14 10.69 18.19 16.13
C PHE A 14 10.69 17.26 17.34
N VAL A 15 9.59 16.51 17.51
CA VAL A 15 9.41 15.64 18.66
C VAL A 15 8.75 14.33 18.22
N VAL A 16 8.96 13.28 19.02
CA VAL A 16 8.35 12.00 18.71
C VAL A 16 6.86 12.05 19.03
N ALA A 17 6.06 11.46 18.15
CA ALA A 17 4.62 11.48 18.31
C ALA A 17 4.18 10.61 19.47
N THR A 18 3.07 10.99 20.10
CA THR A 18 2.41 10.20 21.14
C THR A 18 0.93 10.14 20.82
N GLU A 19 0.17 9.38 21.63
CA GLU A 19 -1.27 9.28 21.40
C GLU A 19 -2.00 10.59 21.64
N ARG A 20 -1.44 11.51 22.44
CA ARG A 20 -2.12 12.77 22.74
C ARG A 20 -2.29 13.63 21.50
N GLU A 21 -1.36 13.56 20.55
CA GLU A 21 -1.40 14.38 19.35
C GLU A 21 -2.24 13.78 18.23
N PHE A 22 -2.94 12.68 18.50
CA PHE A 22 -3.72 12.01 17.45
C PHE A 22 -4.71 12.97 16.81
N GLU A 23 -5.42 13.75 17.62
CA GLU A 23 -6.42 14.66 17.08
C GLU A 23 -5.77 15.81 16.35
N GLU A 24 -4.63 16.30 16.82
CA GLU A 24 -3.89 17.32 16.09
C GLU A 24 -3.43 16.78 14.72
N VAL A 25 -2.97 15.54 14.67
CA VAL A 25 -2.53 14.96 13.40
C VAL A 25 -3.69 14.89 12.42
N LEU A 26 -4.89 14.51 12.91
CA LEU A 26 -6.06 14.46 12.05
C LEU A 26 -6.38 15.84 11.48
N ALA A 27 -6.20 16.88 12.30
CA ALA A 27 -6.53 18.23 11.85
C ALA A 27 -5.68 18.69 10.66
N ILE A 28 -4.49 18.11 10.46
CA ILE A 28 -3.65 18.49 9.34
C ILE A 28 -3.77 17.56 8.15
N SER A 29 -4.66 16.57 8.21
CA SER A 29 -4.71 15.48 7.24
C SER A 29 -5.91 15.55 6.30
N GLY A 30 -6.55 16.71 6.23
CA GLY A 30 -7.74 16.86 5.41
C GLY A 30 -7.53 16.56 3.94
N GLY A 31 -8.37 15.67 3.40
CA GLY A 31 -8.39 15.40 1.98
C GLY A 31 -7.18 14.69 1.44
N ILE A 32 -6.41 14.02 2.28
CA ILE A 32 -5.19 13.36 1.83
C ILE A 32 -5.56 12.08 1.09
N TYR A 33 -4.93 11.87 -0.07
CA TYR A 33 -5.19 10.71 -0.92
C TYR A 33 -6.67 10.59 -1.24
N GLY A 34 -7.33 11.73 -1.44
CA GLY A 34 -8.71 11.73 -1.88
C GLY A 34 -9.65 10.99 -0.96
N GLY A 35 -9.35 10.94 0.33
CA GLY A 35 -10.17 10.24 1.27
C GLY A 35 -9.76 8.80 1.52
N LEU A 36 -8.73 8.31 0.84
CA LEU A 36 -8.23 6.97 1.06
C LEU A 36 -7.07 6.94 2.04
N ASP A 37 -6.93 7.99 2.84
CA ASP A 37 -5.83 8.09 3.79
C ASP A 37 -5.92 7.00 4.84
N TYR A 38 -4.79 6.32 5.08
CA TYR A 38 -4.74 5.21 6.01
C TYR A 38 -4.41 5.64 7.43
N LEU A 39 -3.83 6.82 7.58
CA LEU A 39 -3.29 7.19 8.89
C LEU A 39 -4.34 7.31 9.98
N PRO A 40 -5.53 7.87 9.74
CA PRO A 40 -6.55 7.84 10.81
C PRO A 40 -6.72 6.47 11.44
N SER A 41 -6.71 5.40 10.64
CA SER A 41 -6.92 4.05 11.16
C SER A 41 -5.63 3.41 11.66
N ARG A 42 -4.47 3.99 11.33
CA ARG A 42 -3.18 3.36 11.59
C ARG A 42 -2.32 4.07 12.62
N TYR A 43 -2.65 5.32 12.95
CA TYR A 43 -1.76 6.13 13.77
C TYR A 43 -1.37 5.41 15.06
N HIS A 44 -2.35 4.83 15.74
CA HIS A 44 -2.09 4.24 17.04
C HIS A 44 -1.23 2.99 16.93
N SER A 45 -1.42 2.20 15.87
CA SER A 45 -0.57 1.02 15.70
C SER A 45 0.86 1.43 15.38
N TRP A 46 1.04 2.49 14.58
CA TRP A 46 2.38 3.00 14.31
C TRP A 46 3.14 3.25 15.60
N LEU A 47 2.48 3.80 16.63
CA LEU A 47 3.18 4.11 17.86
C LEU A 47 3.67 2.86 18.58
N ARG A 48 3.09 1.70 18.29
CA ARG A 48 3.49 0.46 18.94
C ARG A 48 4.57 -0.30 18.17
N ASP A 49 4.95 0.15 16.98
CA ASP A 49 5.89 -0.60 16.15
C ASP A 49 7.31 -0.42 16.70
N PRO A 50 8.07 -1.50 16.90
CA PRO A 50 9.33 -1.36 17.64
C PRO A 50 10.44 -0.71 16.83
N ASP A 51 10.40 -0.76 15.52
CA ASP A 51 11.46 -0.20 14.67
C ASP A 51 11.05 1.12 14.02
N ARG A 52 9.93 1.68 14.42
CA ARG A 52 9.38 2.88 13.81
C ARG A 52 9.51 4.08 14.74
N THR A 53 9.73 5.25 14.15
CA THR A 53 9.74 6.53 14.84
C THR A 53 8.83 7.47 14.07
N VAL A 54 7.74 7.89 14.70
CA VAL A 54 6.83 8.88 14.12
C VAL A 54 7.25 10.25 14.64
N VAL A 55 7.57 11.16 13.72
CA VAL A 55 8.11 12.47 14.05
C VAL A 55 7.09 13.52 13.65
N LEU A 56 6.78 14.41 14.59
CA LEU A 56 5.94 15.58 14.33
C LEU A 56 6.80 16.83 14.32
N ALA A 57 6.49 17.74 13.40
CA ALA A 57 7.02 19.11 13.44
C ALA A 57 5.98 20.00 14.12
N LYS A 58 6.41 20.72 15.15
CA LYS A 58 5.55 21.60 15.90
C LYS A 58 6.05 23.03 15.83
N ARG A 59 5.12 23.97 15.66
CA ARG A 59 5.39 25.41 15.74
C ARG A 59 4.49 26.00 16.81
N ASN A 60 5.11 26.57 17.85
CA ASN A 60 4.36 27.16 18.97
C ASN A 60 3.46 26.10 19.63
N GLY A 61 3.97 24.88 19.75
CA GLY A 61 3.24 23.79 20.35
C GLY A 61 2.23 23.10 19.47
N GLY A 62 1.98 23.59 18.26
CA GLY A 62 0.95 23.03 17.40
C GLY A 62 1.57 22.16 16.33
N VAL A 63 1.03 20.96 16.19
CA VAL A 63 1.50 20.03 15.17
C VAL A 63 1.20 20.61 13.79
N ILE A 64 2.20 20.61 12.90
CA ILE A 64 2.00 21.12 11.56
C ILE A 64 2.47 20.14 10.48
N ALA A 65 3.21 19.10 10.89
CA ALA A 65 3.69 18.12 9.92
C ALA A 65 4.03 16.83 10.63
N LEU A 66 4.09 15.76 9.83
CA LEU A 66 4.35 14.41 10.33
C LEU A 66 5.18 13.64 9.31
N GLU A 67 6.10 12.82 9.81
CA GLU A 67 6.83 11.88 8.98
C GLU A 67 7.15 10.64 9.82
N SER A 68 7.03 9.47 9.20
CA SER A 68 7.36 8.21 9.85
C SER A 68 8.55 7.59 9.14
N VAL A 69 9.49 7.06 9.92
CA VAL A 69 10.62 6.29 9.42
C VAL A 69 10.65 4.94 10.13
N ASN A 70 10.69 3.86 9.36
CA ASN A 70 10.65 2.50 9.91
C ASN A 70 11.78 1.68 9.31
N VAL A 71 12.56 1.05 10.16
CA VAL A 71 13.72 0.26 9.73
C VAL A 71 13.27 -1.16 9.43
N ILE A 72 13.53 -1.60 8.19
CA ILE A 72 13.16 -2.93 7.73
C ILE A 72 14.33 -3.54 6.98
N ASP A 73 14.09 -4.70 6.34
CA ASP A 73 15.10 -5.40 5.55
C ASP A 73 16.31 -5.73 6.40
N ALA A 74 16.05 -6.25 7.60
CA ALA A 74 17.12 -6.69 8.50
C ALA A 74 18.07 -5.54 8.85
N GLY A 75 17.53 -4.32 8.93
CA GLY A 75 18.30 -3.18 9.36
C GLY A 75 19.04 -2.43 8.28
N GLU A 76 18.81 -2.76 7.02
CA GLU A 76 19.53 -2.13 5.92
C GLU A 76 18.71 -1.04 5.23
N THR A 77 17.41 -0.98 5.47
CA THR A 77 16.52 -0.07 4.77
C THR A 77 15.68 0.70 5.76
N VAL A 78 15.43 1.98 5.45
CA VAL A 78 14.47 2.80 6.20
C VAL A 78 13.37 3.19 5.22
N LEU A 79 12.13 2.88 5.56
CA LEU A 79 10.97 3.26 4.75
C LEU A 79 10.38 4.56 5.29
N VAL A 80 10.14 5.50 4.38
CA VAL A 80 9.59 6.81 4.71
C VAL A 80 8.11 6.79 4.34
N GLU A 81 7.25 7.05 5.30
CA GLU A 81 5.81 6.98 5.09
C GLU A 81 5.12 8.21 5.65
N GLY A 82 3.95 8.48 5.08
CA GLY A 82 3.00 9.38 5.70
C GLY A 82 3.41 10.82 5.75
N LEU A 83 4.43 11.23 4.98
CA LEU A 83 4.89 12.61 4.97
C LEU A 83 3.74 13.52 4.64
N ARG A 84 3.50 14.51 5.50
CA ARG A 84 2.40 15.44 5.30
C ARG A 84 2.71 16.73 6.06
N VAL A 85 2.25 17.84 5.50
CA VAL A 85 2.31 19.16 6.12
C VAL A 85 0.91 19.76 6.09
N ALA A 86 0.57 20.50 7.15
CA ALA A 86 -0.75 21.10 7.23
C ALA A 86 -0.97 22.01 6.01
N PRO A 87 -2.17 22.01 5.44
CA PRO A 87 -2.40 22.87 4.26
C PRO A 87 -1.97 24.30 4.47
N TRP A 88 -2.17 24.85 5.67
CA TRP A 88 -1.85 26.25 5.93
C TRP A 88 -0.38 26.48 6.20
N GLU A 89 0.46 25.44 6.14
CA GLU A 89 1.90 25.59 6.33
C GLU A 89 2.69 25.13 5.13
N ARG A 90 2.04 24.85 4.01
CA ARG A 90 2.69 24.25 2.87
C ARG A 90 3.39 25.32 2.03
N GLY A 91 4.40 24.88 1.28
CA GLY A 91 5.16 25.78 0.42
C GLY A 91 6.22 26.61 1.11
N LYS A 92 6.48 26.38 2.39
CA LYS A 92 7.49 27.10 3.13
C LYS A 92 8.75 26.28 3.35
N GLY A 93 8.84 25.10 2.75
CA GLY A 93 9.95 24.20 3.02
C GLY A 93 9.84 23.40 4.30
N VAL A 94 8.64 23.28 4.86
CA VAL A 94 8.49 22.53 6.11
C VAL A 94 8.75 21.04 5.88
N ALA A 95 8.15 20.48 4.83
CA ALA A 95 8.41 19.08 4.53
C ALA A 95 9.90 18.82 4.33
N GLY A 96 10.61 19.77 3.74
CA GLY A 96 12.05 19.60 3.58
C GLY A 96 12.80 19.59 4.89
N LEU A 97 12.47 20.52 5.79
CA LEU A 97 13.12 20.56 7.10
C LEU A 97 12.79 19.29 7.90
N LEU A 98 11.54 18.83 7.85
CA LEU A 98 11.19 17.59 8.54
C LEU A 98 11.93 16.40 7.97
N GLN A 99 12.05 16.33 6.63
CA GLN A 99 12.81 15.24 6.02
C GLN A 99 14.25 15.22 6.53
N ARG A 100 14.88 16.40 6.66
CA ARG A 100 16.27 16.45 7.07
C ARG A 100 16.43 16.04 8.53
N PHE A 101 15.53 16.49 9.40
CA PHE A 101 15.58 16.04 10.78
C PHE A 101 15.47 14.51 10.88
N CYS A 102 14.56 13.93 10.12
CA CYS A 102 14.41 12.47 10.19
C CYS A 102 15.61 11.74 9.60
N SER A 103 16.18 12.27 8.51
CA SER A 103 17.36 11.61 7.92
C SER A 103 18.51 11.57 8.92
N GLN A 104 18.70 12.65 9.67
CA GLN A 104 19.76 12.67 10.67
C GLN A 104 19.45 11.73 11.83
N LEU A 105 18.18 11.62 12.21
CA LEU A 105 17.78 10.72 13.28
C LEU A 105 18.11 9.28 12.91
N VAL A 106 17.78 8.88 11.68
CA VAL A 106 18.04 7.51 11.24
C VAL A 106 19.55 7.26 11.21
N LYS A 107 20.31 8.18 10.63
CA LYS A 107 21.75 8.01 10.59
C LYS A 107 22.34 7.91 11.99
N ARG A 108 21.72 8.56 12.96
CA ARG A 108 22.23 8.57 14.32
C ARG A 108 21.84 7.31 15.08
N GLN A 109 20.56 6.94 15.04
CA GLN A 109 20.10 5.77 15.78
C GLN A 109 20.37 4.46 15.06
N HIS A 110 20.32 4.45 13.72
CA HIS A 110 20.39 3.23 12.92
C HIS A 110 21.56 3.34 11.95
N PRO A 111 22.79 3.23 12.46
CA PRO A 111 23.96 3.35 11.57
C PRO A 111 23.99 2.31 10.46
N GLY A 112 23.29 1.20 10.61
CA GLY A 112 23.32 0.16 9.61
C GLY A 112 22.46 0.39 8.41
N VAL A 113 21.57 1.38 8.45
CA VAL A 113 20.71 1.65 7.32
C VAL A 113 21.54 2.19 6.17
N LYS A 114 21.38 1.59 4.98
CA LYS A 114 22.17 1.96 3.81
C LYS A 114 21.36 2.71 2.76
N VAL A 115 20.04 2.51 2.72
CA VAL A 115 19.19 3.13 1.70
C VAL A 115 17.90 3.57 2.37
N ALA A 116 17.25 4.55 1.74
CA ALA A 116 15.90 4.97 2.08
C ALA A 116 15.00 4.57 0.91
N ARG A 117 13.77 4.17 1.24
CA ARG A 117 12.79 3.73 0.25
C ARG A 117 11.47 4.42 0.52
N LEU A 118 10.67 4.55 -0.54
CA LEU A 118 9.37 5.16 -0.45
C LEU A 118 8.59 4.79 -1.70
N THR A 119 7.27 4.81 -1.57
CA THR A 119 6.35 4.61 -2.69
C THR A 119 5.54 5.89 -2.91
N ARG A 120 5.12 6.09 -4.15
CA ARG A 120 4.37 7.27 -4.50
C ARG A 120 3.63 7.03 -5.80
N ASP A 121 2.55 7.78 -5.99
CA ASP A 121 1.71 7.68 -7.17
C ASP A 121 1.84 8.89 -8.09
N ASP A 122 2.56 9.92 -7.68
CA ASP A 122 2.68 11.13 -8.51
C ASP A 122 3.77 10.94 -9.56
N GLN A 123 3.63 11.70 -10.65
CA GLN A 123 4.57 11.59 -11.76
C GLN A 123 5.99 11.89 -11.30
N LEU A 124 6.93 11.01 -11.69
CA LEU A 124 8.32 11.15 -11.29
C LEU A 124 8.98 12.19 -12.17
N GLY A 125 9.13 13.41 -11.64
CA GLY A 125 9.75 14.48 -12.35
C GLY A 125 11.25 14.31 -12.43
N PRO A 126 11.93 15.18 -13.19
CA PRO A 126 13.39 15.03 -13.35
C PRO A 126 14.13 14.95 -12.02
N ARG A 127 13.82 15.88 -11.10
CA ARG A 127 14.36 15.82 -9.75
C ARG A 127 14.35 14.41 -9.19
N GLU A 128 13.18 13.78 -9.19
CA GLU A 128 13.07 12.42 -8.68
C GLU A 128 14.10 11.50 -9.35
N LEU A 129 14.14 11.52 -10.69
CA LEU A 129 15.05 10.67 -11.42
C LEU A 129 16.50 10.91 -11.02
N LYS A 130 16.82 12.10 -10.49
CA LYS A 130 18.19 12.44 -10.15
C LYS A 130 18.54 11.93 -8.76
N LYS A 131 17.63 12.05 -7.80
CA LYS A 131 17.91 11.70 -6.42
C LYS A 131 17.58 10.26 -6.10
N TYR A 132 16.66 9.66 -6.85
CA TYR A 132 16.16 8.33 -6.53
C TYR A 132 16.35 7.37 -7.71
N ARG A 133 16.67 6.13 -7.37
CA ARG A 133 16.57 5.02 -8.31
C ARG A 133 15.14 4.48 -8.28
N LEU A 134 14.63 4.08 -9.45
CA LEU A 134 13.33 3.44 -9.55
C LEU A 134 13.53 1.91 -9.49
N ILE A 135 13.19 1.31 -8.35
CA ILE A 135 13.29 -0.14 -8.22
C ILE A 135 12.31 -0.84 -9.15
N THR A 136 11.06 -0.45 -9.11
CA THR A 136 10.05 -1.03 -9.99
C THR A 136 8.83 -0.11 -9.99
N LYS A 137 7.81 -0.50 -10.74
CA LYS A 137 6.56 0.24 -10.75
C LYS A 137 5.42 -0.70 -11.09
N GLN A 138 4.23 -0.39 -10.57
CA GLN A 138 3.04 -1.18 -10.82
C GLN A 138 1.92 -0.24 -11.28
N GLY A 139 1.04 -0.76 -12.12
CA GLY A 139 -0.17 -0.03 -12.43
C GLY A 139 -1.14 -0.04 -11.27
N ILE A 140 -2.02 0.95 -11.25
CA ILE A 140 -2.98 1.13 -10.18
C ILE A 140 -4.37 1.12 -10.79
N LEU A 141 -5.23 0.24 -10.30
CA LEU A 141 -6.62 0.17 -10.72
C LEU A 141 -7.50 0.38 -9.48
N LEU A 142 -8.28 1.44 -9.49
CA LEU A 142 -9.12 1.79 -8.34
C LEU A 142 -10.58 1.71 -8.75
N VAL A 143 -11.34 0.85 -8.05
CA VAL A 143 -12.76 0.69 -8.28
C VAL A 143 -13.49 0.78 -6.95
N ARG A 144 -14.79 1.05 -7.03
CA ARG A 144 -15.63 1.17 -5.85
C ARG A 144 -16.86 0.28 -6.00
N PHE A 145 -17.41 -0.11 -4.87
CA PHE A 145 -18.63 -0.92 -4.89
C PHE A 145 -19.19 -1.01 -3.48
N ASN A 146 -20.50 -1.22 -3.41
CA ASN A 146 -21.16 -1.58 -2.16
C ASN A 146 -21.06 -3.09 -1.99
N ALA A 147 -20.55 -3.52 -0.83
CA ALA A 147 -20.28 -4.94 -0.61
C ALA A 147 -21.55 -5.78 -0.77
N SER A 148 -22.63 -5.36 -0.13
CA SER A 148 -23.87 -6.13 -0.20
C SER A 148 -24.36 -6.24 -1.64
N ALA A 149 -24.36 -5.12 -2.37
CA ALA A 149 -24.83 -5.15 -3.75
C ALA A 149 -23.97 -6.06 -4.60
N LEU A 150 -22.66 -6.10 -4.35
CA LEU A 150 -21.78 -6.97 -5.11
C LEU A 150 -22.12 -8.43 -4.86
N LEU A 151 -22.31 -8.79 -3.59
CA LEU A 151 -22.59 -10.19 -3.27
C LEU A 151 -23.94 -10.63 -3.81
N ALA A 152 -24.93 -9.75 -3.80
CA ALA A 152 -26.27 -10.12 -4.23
C ALA A 152 -26.34 -10.34 -5.74
N GLY A 153 -25.36 -9.88 -6.49
CA GLY A 153 -25.42 -9.98 -7.94
C GLY A 153 -24.29 -10.73 -8.61
N LEU A 154 -23.31 -11.18 -7.83
CA LEU A 154 -22.12 -11.77 -8.44
C LEU A 154 -22.43 -13.13 -9.05
N GLY A 155 -23.19 -13.97 -8.34
CA GLY A 155 -23.55 -15.26 -8.89
C GLY A 155 -24.14 -15.16 -10.28
N ALA A 156 -25.14 -14.29 -10.44
CA ALA A 156 -25.73 -14.08 -11.76
C ALA A 156 -24.70 -13.54 -12.74
N ARG A 157 -23.86 -12.60 -12.30
CA ARG A 157 -22.86 -12.02 -13.18
C ARG A 157 -21.90 -13.08 -13.69
N LEU A 158 -21.37 -13.91 -12.78
CA LEU A 158 -20.39 -14.91 -13.18
C LEU A 158 -21.04 -16.05 -13.96
N ALA A 159 -22.33 -16.31 -13.73
CA ALA A 159 -23.02 -17.32 -14.51
C ALA A 159 -23.19 -16.87 -15.95
N ALA A 160 -23.56 -15.60 -16.15
CA ALA A 160 -23.64 -15.06 -17.50
C ALA A 160 -22.32 -15.21 -18.23
N LEU A 161 -21.22 -14.84 -17.58
CA LEU A 161 -19.90 -14.97 -18.20
C LEU A 161 -19.64 -16.41 -18.63
N ARG A 162 -19.95 -17.36 -17.73
CA ARG A 162 -19.76 -18.78 -18.06
C ARG A 162 -20.50 -19.15 -19.34
N THR A 163 -21.80 -18.90 -19.37
CA THR A 163 -22.59 -19.27 -20.55
C THR A 163 -22.23 -18.40 -21.75
N SER A 164 -22.09 -17.10 -21.53
CA SER A 164 -21.70 -16.19 -22.61
C SER A 164 -20.40 -16.62 -23.29
N GLY A 165 -19.61 -17.46 -22.63
CA GLY A 165 -18.26 -17.73 -23.08
C GLY A 165 -17.28 -16.63 -22.82
N THR A 166 -17.74 -15.52 -22.24
CA THR A 166 -16.85 -14.40 -21.95
C THR A 166 -15.74 -14.83 -20.98
N PHE A 167 -16.12 -15.38 -19.84
CA PHE A 167 -15.16 -15.65 -18.77
C PHE A 167 -15.66 -16.80 -17.91
N SER A 168 -14.72 -17.64 -17.47
CA SER A 168 -14.98 -18.68 -16.50
C SER A 168 -13.78 -18.63 -15.55
N PRO A 169 -13.97 -18.55 -14.25
CA PRO A 169 -12.84 -18.51 -13.32
C PRO A 169 -11.89 -19.71 -13.51
N LEU A 170 -10.62 -19.41 -13.68
CA LEU A 170 -9.58 -20.44 -13.74
C LEU A 170 -9.28 -20.98 -12.35
N PRO A 171 -8.69 -22.16 -12.27
CA PRO A 171 -8.39 -22.73 -10.95
C PRO A 171 -7.26 -21.96 -10.27
N THR A 172 -7.36 -21.86 -8.95
CA THR A 172 -6.34 -21.26 -8.11
C THR A 172 -6.01 -22.22 -6.99
N GLU A 173 -4.89 -21.96 -6.31
CA GLU A 173 -4.40 -22.82 -5.25
C GLU A 173 -4.21 -22.03 -3.96
N ALA A 174 -4.53 -22.66 -2.84
CA ALA A 174 -4.46 -21.99 -1.56
C ALA A 174 -3.01 -21.76 -1.15
N VAL A 175 -2.82 -20.74 -0.31
CA VAL A 175 -1.52 -20.39 0.23
C VAL A 175 -1.70 -20.14 1.71
N SER A 176 -1.00 -20.91 2.53
CA SER A 176 -1.09 -20.84 3.99
C SER A 176 0.24 -20.35 4.56
N GLU A 177 0.21 -19.20 5.23
CA GLU A 177 1.40 -18.76 5.94
C GLU A 177 1.80 -19.75 7.02
N ALA A 178 0.83 -20.11 7.87
CA ALA A 178 1.11 -21.07 8.93
C ALA A 178 1.62 -22.38 8.38
N GLY A 179 1.07 -22.82 7.24
CA GLY A 179 1.50 -24.05 6.61
C GLY A 179 2.83 -23.98 5.88
N GLY A 180 3.44 -22.81 5.79
CA GLY A 180 4.75 -22.67 5.16
C GLY A 180 4.74 -22.38 3.68
N ASP A 181 3.57 -22.16 3.09
CA ASP A 181 3.51 -21.93 1.66
C ASP A 181 4.07 -20.55 1.28
N VAL A 182 3.83 -19.55 2.12
CA VAL A 182 4.29 -18.20 1.82
C VAL A 182 5.81 -18.18 1.74
N ALA A 183 6.47 -18.81 2.71
CA ALA A 183 7.93 -18.84 2.70
C ALA A 183 8.45 -19.55 1.46
N ARG A 184 7.86 -20.70 1.12
CA ARG A 184 8.35 -21.47 -0.02
C ARG A 184 8.16 -20.73 -1.32
N LEU A 185 7.22 -19.78 -1.37
CA LEU A 185 7.04 -18.96 -2.57
C LEU A 185 8.00 -17.78 -2.60
N LEU A 186 7.98 -16.95 -1.57
CA LEU A 186 8.70 -15.67 -1.62
C LEU A 186 10.20 -15.83 -1.47
N LEU A 187 10.66 -16.89 -0.82
CA LEU A 187 12.09 -17.14 -0.69
C LEU A 187 12.66 -17.88 -1.90
N SER A 188 11.82 -18.23 -2.87
CA SER A 188 12.29 -18.87 -4.10
C SER A 188 13.00 -17.86 -4.98
N PRO A 189 14.29 -18.06 -5.30
CA PRO A 189 14.96 -17.12 -6.20
C PRO A 189 14.24 -16.93 -7.53
N SER A 190 13.60 -17.98 -8.06
CA SER A 190 12.94 -17.86 -9.35
C SER A 190 11.65 -17.07 -9.25
N VAL A 191 10.92 -17.20 -8.13
CA VAL A 191 9.74 -16.37 -7.92
C VAL A 191 10.12 -14.92 -7.76
N GLN A 192 11.19 -14.65 -7.00
CA GLN A 192 11.71 -13.29 -6.85
C GLN A 192 12.08 -12.67 -8.20
N ARG A 193 12.65 -13.47 -9.11
CA ARG A 193 13.09 -12.97 -10.40
C ARG A 193 11.91 -12.75 -11.35
N ASP A 194 11.05 -13.76 -11.48
CA ASP A 194 10.07 -13.80 -12.57
C ASP A 194 8.67 -13.32 -12.18
N VAL A 195 8.35 -13.30 -10.89
CA VAL A 195 7.01 -12.95 -10.41
C VAL A 195 7.01 -11.57 -9.72
N LEU A 196 7.81 -11.40 -8.68
CA LEU A 196 7.79 -10.20 -7.89
C LEU A 196 8.25 -9.00 -8.72
N PRO A 197 7.57 -7.86 -8.59
CA PRO A 197 8.01 -6.64 -9.31
C PRO A 197 9.36 -6.15 -8.79
N GLY A 198 10.35 -6.15 -9.68
CA GLY A 198 11.70 -5.81 -9.27
C GLY A 198 12.19 -6.62 -8.09
N GLY A 199 11.83 -7.90 -8.02
CA GLY A 199 12.24 -8.74 -6.92
C GLY A 199 11.78 -8.29 -5.55
N THR A 200 10.72 -7.48 -5.48
CA THR A 200 10.30 -6.83 -4.25
C THR A 200 8.84 -7.17 -3.94
N ILE A 201 8.57 -7.41 -2.67
CA ILE A 201 7.20 -7.54 -2.19
C ILE A 201 6.67 -6.14 -1.91
N ILE A 202 5.61 -5.74 -2.60
CA ILE A 202 4.88 -4.52 -2.31
C ILE A 202 3.54 -4.92 -1.70
N GLN A 203 3.32 -4.52 -0.44
CA GLN A 203 2.10 -4.84 0.29
C GLN A 203 1.53 -3.55 0.83
N ASP A 204 0.40 -3.10 0.26
CA ASP A 204 -0.29 -1.89 0.72
C ASP A 204 0.68 -0.71 0.78
N TRP A 205 1.40 -0.51 -0.34
CA TRP A 205 2.34 0.57 -0.59
C TRP A 205 3.65 0.38 0.15
N GLN A 206 3.84 -0.72 0.87
CA GLN A 206 5.03 -0.87 1.72
C GLN A 206 5.96 -1.92 1.11
N PRO A 207 7.19 -1.55 0.71
CA PRO A 207 8.10 -2.51 0.08
C PRO A 207 8.90 -3.30 1.10
N TYR A 208 9.05 -4.60 0.81
CA TYR A 208 9.88 -5.49 1.61
C TYR A 208 10.80 -6.28 0.69
N ARG A 209 12.09 -6.34 1.01
CA ARG A 209 12.95 -7.34 0.40
C ARG A 209 12.42 -8.73 0.78
N PRO A 210 12.48 -9.71 -0.17
CA PRO A 210 11.97 -11.07 0.15
C PRO A 210 12.94 -11.83 1.03
N SER A 211 12.73 -11.80 2.34
CA SER A 211 13.62 -12.40 3.31
C SER A 211 12.78 -12.88 4.49
N GLU A 212 13.32 -13.86 5.20
CA GLU A 212 12.60 -14.44 6.33
C GLU A 212 12.30 -13.38 7.38
N SER A 213 13.26 -12.49 7.64
CA SER A 213 13.04 -11.42 8.61
C SER A 213 11.80 -10.61 8.27
N ASN A 214 11.68 -10.18 7.02
CA ASN A 214 10.49 -9.45 6.62
C ASN A 214 9.24 -10.33 6.59
N LEU A 215 9.40 -11.62 6.25
CA LEU A 215 8.24 -12.51 6.27
C LEU A 215 7.61 -12.55 7.65
N ARG A 216 8.42 -12.50 8.71
CA ARG A 216 7.87 -12.41 10.06
C ARG A 216 7.01 -11.17 10.23
N LEU A 217 7.48 -10.01 9.73
CA LEU A 217 6.68 -8.79 9.78
C LEU A 217 5.38 -8.95 9.01
N LEU A 218 5.46 -9.54 7.81
CA LEU A 218 4.24 -9.70 7.00
C LEU A 218 3.24 -10.64 7.67
N ALA A 219 3.75 -11.68 8.36
CA ALA A 219 2.86 -12.67 8.95
C ALA A 219 1.94 -12.10 10.03
N ALA A 220 2.32 -10.99 10.65
CA ALA A 220 1.57 -10.43 11.76
C ALA A 220 0.51 -9.44 11.32
N LYS A 221 0.24 -9.31 10.02
CA LYS A 221 -0.68 -8.29 9.53
C LYS A 221 -2.03 -8.83 9.12
N GLY A 222 -2.21 -10.15 9.15
CA GLY A 222 -3.49 -10.73 8.72
C GLY A 222 -3.70 -10.73 7.22
N LEU A 223 -2.63 -10.89 6.45
CA LEU A 223 -2.75 -10.86 5.00
C LEU A 223 -3.29 -12.20 4.49
N GLU A 224 -3.93 -12.16 3.32
CA GLU A 224 -4.40 -13.35 2.63
C GLU A 224 -3.70 -13.45 1.28
N TRP A 225 -3.19 -14.63 0.95
CA TRP A 225 -2.46 -14.91 -0.27
C TRP A 225 -3.28 -15.81 -1.20
N ARG A 226 -2.95 -15.74 -2.48
CA ARG A 226 -3.49 -16.66 -3.47
C ARG A 226 -2.48 -16.79 -4.62
N VAL A 227 -2.43 -17.97 -5.22
CA VAL A 227 -1.45 -18.26 -6.27
C VAL A 227 -2.07 -19.17 -7.31
N ASP A 228 -1.51 -19.14 -8.52
CA ASP A 228 -1.99 -19.99 -9.58
C ASP A 228 -1.55 -21.43 -9.40
N SER A 229 -0.28 -21.65 -9.03
CA SER A 229 0.20 -22.99 -8.75
C SER A 229 1.35 -22.88 -7.77
N ARG A 230 1.24 -23.60 -6.65
CA ARG A 230 2.34 -23.64 -5.69
C ARG A 230 3.56 -24.35 -6.28
N ALA A 231 3.33 -25.31 -7.19
CA ALA A 231 4.44 -26.01 -7.84
C ALA A 231 5.06 -25.20 -8.97
N ARG A 232 4.24 -24.47 -9.71
CA ARG A 232 4.68 -23.70 -10.88
C ARG A 232 4.21 -22.26 -10.75
N PRO A 233 4.68 -21.54 -9.72
CA PRO A 233 4.13 -20.20 -9.44
C PRO A 233 4.45 -19.20 -10.56
N ARG A 234 3.41 -18.53 -11.05
CA ARG A 234 3.54 -17.52 -12.07
C ARG A 234 2.79 -16.25 -11.72
N VAL A 235 1.68 -16.38 -11.00
CA VAL A 235 0.90 -15.25 -10.52
C VAL A 235 0.62 -15.44 -9.04
N LEU A 236 0.96 -14.42 -8.24
CA LEU A 236 0.80 -14.44 -6.79
C LEU A 236 0.12 -13.14 -6.38
N THR A 237 -1.02 -13.26 -5.69
CA THR A 237 -1.80 -12.10 -5.28
C THR A 237 -1.83 -11.99 -3.75
N LEU A 238 -2.07 -10.78 -3.26
CA LEU A 238 -1.96 -10.47 -1.85
C LEU A 238 -2.99 -9.43 -1.45
N CYS A 239 -3.79 -9.76 -0.46
CA CYS A 239 -4.86 -8.89 -0.01
C CYS A 239 -4.57 -8.42 1.42
N THR A 240 -4.55 -7.11 1.60
CA THR A 240 -4.42 -6.52 2.93
C THR A 240 -5.81 -6.42 3.58
N ARG A 241 -5.87 -6.72 4.84
CA ARG A 241 -7.14 -6.65 5.56
C ARG A 241 -7.76 -5.26 5.39
N PRO A 242 -9.04 -5.15 5.04
CA PRO A 242 -9.65 -3.82 4.89
C PRO A 242 -9.55 -3.04 6.21
N PHE A 243 -9.57 -1.72 6.09
CA PHE A 243 -9.54 -0.82 7.24
C PHE A 243 -10.31 0.45 6.90
N PRO A 244 -10.78 1.18 7.91
CA PRO A 244 -11.62 2.36 7.63
C PRO A 244 -10.82 3.51 7.03
N ILE A 245 -11.48 4.28 6.19
CA ILE A 245 -10.88 5.47 5.58
C ILE A 245 -11.89 6.60 5.71
N PRO A 246 -11.44 7.87 5.73
CA PRO A 246 -12.40 8.98 5.95
C PRO A 246 -13.31 9.23 4.78
N HIS A 247 -13.04 8.64 3.61
CA HIS A 247 -13.85 8.90 2.42
C HIS A 247 -15.34 8.81 2.73
N GLY A 248 -16.12 9.69 2.10
CA GLY A 248 -17.55 9.68 2.27
C GLY A 248 -18.03 10.47 3.47
N GLY A 249 -17.18 10.57 4.50
CA GLY A 249 -17.54 11.28 5.72
C GLY A 249 -18.56 10.60 6.60
N ASP A 250 -19.22 9.54 6.13
CA ASP A 250 -20.20 8.80 6.92
C ASP A 250 -19.60 7.59 7.61
N GLY A 251 -18.29 7.36 7.48
CA GLY A 251 -17.64 6.28 8.18
C GLY A 251 -17.97 4.88 7.69
N THR A 252 -18.63 4.78 6.53
CA THR A 252 -19.01 3.48 6.00
C THR A 252 -17.96 2.90 5.03
N TRP A 253 -16.92 3.65 4.68
CA TRP A 253 -16.03 3.24 3.61
C TRP A 253 -14.81 2.52 4.17
N ARG A 254 -14.38 1.50 3.43
CA ARG A 254 -13.21 0.69 3.77
C ARG A 254 -12.29 0.62 2.55
N TYR A 255 -11.01 0.44 2.81
CA TYR A 255 -9.99 0.38 1.77
C TYR A 255 -9.49 -1.05 1.67
N LEU A 256 -9.69 -1.66 0.50
CA LEU A 256 -9.30 -3.06 0.24
C LEU A 256 -8.15 -3.07 -0.75
N ASN A 257 -6.96 -3.36 -0.26
CA ASN A 257 -5.73 -3.30 -1.06
C ASN A 257 -5.38 -4.69 -1.52
N ILE A 258 -5.19 -4.85 -2.83
CA ILE A 258 -4.81 -6.12 -3.43
C ILE A 258 -3.59 -5.90 -4.33
N ASP A 259 -2.47 -6.52 -3.98
CA ASP A 259 -1.25 -6.46 -4.78
C ASP A 259 -1.11 -7.75 -5.58
N ALA A 260 -0.91 -7.61 -6.90
CA ALA A 260 -0.86 -8.71 -7.84
C ALA A 260 0.51 -8.79 -8.49
N PHE A 261 1.19 -9.94 -8.34
CA PHE A 261 2.53 -10.14 -8.87
C PHE A 261 2.47 -11.19 -9.98
N GLY A 262 2.72 -10.77 -11.20
CA GLY A 262 2.81 -11.71 -12.30
C GLY A 262 2.27 -11.12 -13.58
N SER A 263 2.45 -11.90 -14.66
CA SER A 263 2.17 -11.42 -16.02
C SER A 263 0.98 -12.09 -16.69
N ASP A 264 0.36 -13.08 -16.04
CA ASP A 264 -0.81 -13.75 -16.62
C ASP A 264 -2.07 -13.01 -16.18
N GLY A 265 -2.68 -12.29 -17.11
CA GLY A 265 -3.86 -11.51 -16.76
C GLY A 265 -5.03 -12.38 -16.32
N ALA A 266 -5.23 -13.52 -16.99
CA ALA A 266 -6.34 -14.39 -16.63
C ALA A 266 -6.23 -14.83 -15.17
N GLN A 267 -5.01 -15.14 -14.70
CA GLN A 267 -4.86 -15.56 -13.32
C GLN A 267 -5.06 -14.41 -12.35
N VAL A 268 -4.68 -13.19 -12.76
CA VAL A 268 -4.94 -12.03 -11.92
C VAL A 268 -6.44 -11.78 -11.80
N GLN A 269 -7.19 -12.05 -12.88
CA GLN A 269 -8.64 -11.96 -12.83
C GLN A 269 -9.22 -13.00 -11.89
N SER A 270 -8.85 -14.27 -12.08
CA SER A 270 -9.39 -15.33 -11.23
C SER A 270 -9.01 -15.10 -9.77
N GLN A 271 -7.79 -14.64 -9.52
CA GLN A 271 -7.35 -14.44 -8.14
C GLN A 271 -7.98 -13.19 -7.52
N LEU A 272 -8.18 -12.14 -8.32
CA LEU A 272 -8.93 -11.00 -7.82
C LEU A 272 -10.33 -11.40 -7.41
N LEU A 273 -11.01 -12.22 -8.23
CA LEU A 273 -12.35 -12.67 -7.89
C LEU A 273 -12.35 -13.48 -6.61
N TRP A 274 -11.36 -14.35 -6.43
CA TRP A 274 -11.27 -15.11 -5.19
C TRP A 274 -11.19 -14.20 -3.97
N HIS A 275 -10.33 -13.19 -4.02
CA HIS A 275 -10.19 -12.26 -2.90
C HIS A 275 -11.49 -11.50 -2.65
N LEU A 276 -12.18 -11.08 -3.71
CA LEU A 276 -13.43 -10.37 -3.54
C LEU A 276 -14.47 -11.23 -2.85
N GLN A 277 -14.61 -12.49 -3.27
CA GLN A 277 -15.54 -13.40 -2.63
C GLN A 277 -15.10 -13.76 -1.22
N ARG A 278 -13.81 -13.63 -0.91
CA ARG A 278 -13.36 -13.87 0.46
C ARG A 278 -13.65 -12.68 1.38
N GLN A 279 -13.49 -11.45 0.88
CA GLN A 279 -13.50 -10.28 1.74
C GLN A 279 -14.86 -9.60 1.82
N ALA A 280 -15.65 -9.64 0.75
CA ALA A 280 -16.92 -8.92 0.75
C ALA A 280 -17.88 -9.36 1.85
N PRO A 281 -18.00 -10.66 2.20
CA PRO A 281 -18.91 -11.02 3.31
C PRO A 281 -18.60 -10.28 4.60
N ARG A 282 -17.32 -10.05 4.89
CA ARG A 282 -16.92 -9.30 6.08
C ARG A 282 -17.26 -7.83 5.99
N LEU A 283 -17.58 -7.33 4.80
CA LEU A 283 -17.84 -5.92 4.57
C LEU A 283 -19.30 -5.63 4.32
N VAL A 284 -20.18 -6.57 4.68
CA VAL A 284 -21.61 -6.37 4.49
C VAL A 284 -22.03 -5.09 5.17
N GLY A 285 -22.81 -4.27 4.46
CA GLY A 285 -23.27 -3.01 4.99
C GLY A 285 -22.33 -1.85 4.78
N LEU A 286 -21.14 -2.09 4.21
CA LEU A 286 -20.14 -1.06 4.03
C LEU A 286 -19.87 -0.85 2.56
N ASN A 287 -19.18 0.27 2.26
CA ASN A 287 -18.72 0.60 0.91
C ASN A 287 -17.21 0.44 0.84
N VAL A 288 -16.72 0.02 -0.31
CA VAL A 288 -15.33 -0.40 -0.45
C VAL A 288 -14.65 0.38 -1.57
N MET A 289 -13.46 0.87 -1.29
CA MET A 289 -12.55 1.35 -2.33
C MET A 289 -11.51 0.25 -2.54
N CYS A 290 -11.58 -0.42 -3.70
CA CYS A 290 -10.70 -1.55 -4.01
C CYS A 290 -9.63 -1.08 -4.99
N GLN A 291 -8.39 -1.09 -4.53
CA GLN A 291 -7.25 -0.66 -5.34
C GLN A 291 -6.38 -1.88 -5.66
N LEU A 292 -6.26 -2.20 -6.93
CA LEU A 292 -5.47 -3.33 -7.41
C LEU A 292 -4.19 -2.81 -8.06
N PHE A 293 -3.05 -3.31 -7.59
CA PHE A 293 -1.75 -3.03 -8.16
C PHE A 293 -1.27 -4.24 -8.95
N LEU A 294 -0.90 -4.02 -10.21
CA LEU A 294 -0.56 -5.11 -11.12
C LEU A 294 0.40 -4.62 -12.18
N GLU A 295 0.99 -5.56 -12.91
CA GLU A 295 1.92 -5.20 -13.98
C GLU A 295 1.26 -4.24 -14.97
N PRO A 296 1.94 -3.16 -15.37
CA PRO A 296 1.27 -2.15 -16.20
C PRO A 296 0.55 -2.70 -17.43
N GLN A 297 1.09 -3.74 -18.07
CA GLN A 297 0.50 -4.23 -19.30
C GLN A 297 -0.83 -4.94 -19.06
N LEU A 298 -1.09 -5.38 -17.83
CA LEU A 298 -2.33 -6.09 -17.50
C LEU A 298 -3.47 -5.15 -17.14
N TRP A 299 -3.22 -3.84 -17.10
CA TRP A 299 -4.19 -2.91 -16.52
C TRP A 299 -5.49 -2.89 -17.32
N SER A 300 -5.40 -2.64 -18.63
CA SER A 300 -6.60 -2.53 -19.45
C SER A 300 -7.44 -3.79 -19.36
N GLN A 301 -6.80 -4.95 -19.42
CA GLN A 301 -7.52 -6.21 -19.27
C GLN A 301 -8.32 -6.24 -17.97
N LEU A 302 -7.69 -5.90 -16.85
CA LEU A 302 -8.37 -6.00 -15.56
C LEU A 302 -9.38 -4.89 -15.35
N ALA A 303 -9.12 -3.69 -15.88
CA ALA A 303 -10.11 -2.62 -15.79
C ALA A 303 -11.40 -3.01 -16.50
N ASP A 304 -11.26 -3.59 -17.70
CA ASP A 304 -12.44 -4.08 -18.42
C ASP A 304 -13.15 -5.16 -17.61
N PHE A 305 -12.41 -6.20 -17.21
CA PHE A 305 -12.96 -7.25 -16.36
C PHE A 305 -13.78 -6.67 -15.21
N CYS A 306 -13.18 -5.73 -14.47
CA CYS A 306 -13.87 -5.15 -13.34
C CYS A 306 -15.10 -4.40 -13.78
N GLN A 307 -14.99 -3.63 -14.87
CA GLN A 307 -16.10 -2.78 -15.32
C GLN A 307 -17.20 -3.61 -15.99
N VAL A 308 -16.87 -4.30 -17.08
CA VAL A 308 -17.90 -5.02 -17.82
C VAL A 308 -18.24 -6.33 -17.12
N GLY A 309 -17.23 -7.05 -16.62
CA GLY A 309 -17.48 -8.39 -16.12
C GLY A 309 -18.13 -8.37 -14.75
N LEU A 310 -17.58 -7.59 -13.82
CA LEU A 310 -18.05 -7.56 -12.44
C LEU A 310 -18.89 -6.32 -12.11
N GLY A 311 -19.29 -5.57 -13.12
CA GLY A 311 -20.16 -4.43 -12.90
C GLY A 311 -19.63 -3.43 -11.90
N LEU A 312 -18.32 -3.34 -11.76
CA LEU A 312 -17.70 -2.42 -10.82
C LEU A 312 -17.50 -1.06 -11.48
N GLU A 313 -17.35 -0.04 -10.65
CA GLU A 313 -17.21 1.33 -11.11
C GLU A 313 -15.75 1.77 -11.02
N LEU A 314 -15.21 2.25 -12.13
CA LEU A 314 -13.84 2.76 -12.16
C LEU A 314 -13.82 4.14 -11.52
N VAL A 315 -12.99 4.30 -10.49
CA VAL A 315 -12.96 5.57 -9.76
C VAL A 315 -12.10 6.60 -10.50
N LYS A 316 -11.01 6.15 -11.11
CA LYS A 316 -10.15 7.05 -11.84
C LYS A 316 -9.39 6.26 -12.91
N GLY A 317 -8.77 6.98 -13.83
CA GLY A 317 -8.02 6.39 -14.91
C GLY A 317 -6.70 5.81 -14.45
N TYR A 318 -5.88 5.47 -15.43
CA TYR A 318 -4.61 4.82 -15.15
C TYR A 318 -3.68 5.73 -14.36
N THR A 319 -3.05 5.16 -13.34
CA THR A 319 -1.97 5.80 -12.60
C THR A 319 -1.00 4.69 -12.20
N GLU A 320 0.18 5.10 -11.74
CA GLU A 320 1.25 4.17 -11.45
C GLU A 320 1.78 4.37 -10.03
N GLN A 321 2.17 3.25 -9.41
CA GLN A 321 2.86 3.24 -8.13
C GLN A 321 4.34 3.02 -8.36
N TYR A 322 5.15 3.96 -7.89
CA TYR A 322 6.59 3.94 -8.08
C TYR A 322 7.26 3.56 -6.78
N LEU A 323 8.20 2.62 -6.85
CA LEU A 323 9.05 2.26 -5.71
C LEU A 323 10.41 2.92 -5.95
N LEU A 324 10.78 3.85 -5.07
CA LEU A 324 11.98 4.64 -5.20
C LEU A 324 12.97 4.33 -4.09
N GLU A 325 14.24 4.49 -4.39
CA GLU A 325 15.31 4.18 -3.46
C GLU A 325 16.40 5.23 -3.63
N ALA A 326 17.02 5.58 -2.51
CA ALA A 326 18.12 6.54 -2.49
C ALA A 326 19.07 6.17 -1.36
N ASP A 327 20.36 6.37 -1.59
CA ASP A 327 21.35 6.03 -0.58
C ASP A 327 21.28 7.01 0.59
N ILE A 328 21.81 6.55 1.73
CA ILE A 328 21.88 7.33 2.95
C ILE A 328 23.29 7.88 3.06
N HIS A 329 23.42 9.19 3.26
CA HIS A 329 24.72 9.87 3.20
C HIS A 329 25.19 10.20 4.61
N HIS A 330 25.85 9.22 5.23
CA HIS A 330 26.48 9.45 6.52
C HIS A 330 27.72 10.34 6.34
#